data_8RK2
#
_entry.id   8RK2
#
_cell.length_a   1.00
_cell.length_b   1.00
_cell.length_c   1.00
_cell.angle_alpha   90.00
_cell.angle_beta   90.00
_cell.angle_gamma   90.00
#
_symmetry.space_group_name_H-M   'P 1'
#
loop_
_entity.id
_entity.type
_entity.pdbx_description
1 polymer 'Replication protein A 70 kDa DNA-binding subunit, N-terminally processed'
2 polymer 'Replication protein A 32 kDa subunit'
3 polymer 'Replication protein A 14 kDa subunit'
#
loop_
_entity_poly.entity_id
_entity_poly.type
_entity_poly.pdbx_seq_one_letter_code
_entity_poly.pdbx_strand_id
1 'polypeptide(L)'
;MVGQLSEGAIAAIMQKGDTNIKPILQVINIRPITTGNSPPRYRLLMSDGLNTLSSFMLATQLNPLVEEEQLSSNCVCQIH
RFIVNTLKDGRRVVILMELEVLKSAEAVGVKIGNPVPYNEGLGQPQVAPPAPAASPAASSRPQPQNGSSGMGSTVSKAYG
ASKTFGKAAGPSLSHTSGGTQSKVVPIASLTPYQSKWTICARVTNKSQIRTWSNSRGEGKLFSLELVDESGEIRATAFNE
QVDKFFPLIEVNKVYYFSKGTLKIANKQFTAVKNDYEMTFNNETSVMPCEDDHHLPTVQFDFTGIDDLENKSKDSLVDII
GICKSYEDATKITVRSNNREVAKRNIYLMDTSGKVVTATLWGEDADKFDGSRQPVLAIKGARVSDFGGRSLSVLSSSTII
ANPDIPEAYKLRGWFDAEGQALDGVSISDLKSGGVGGSNTNWKTLYEVKSENLGQGDKPDYFSSVATVVYLRKENCMYQA
CPTQDCNKKVIDQQNGLYRCEKCDTEFPNFKYRMILSVNIADFQENQWVTCFQESAEAILGQNAAYLGELKDKNEQAFEE
VFQNANFRSFIFRVRVKVETYNDESRIKATVMDVKPVDYREYGRRLVMSIRRSALM
;
A
2 'polypeptide(L)'
;MWNSGFESYGSSSYGGAGGYTQSPGGFGSPAPSQAEKKSRARAQHIVPCTISQLLSATLVDEVFRIGNVEISQVTIVGII
RHAEKAPTNIVYKIDDMTAAPMDVRQWVDTDDTSSENTVVPPETYVKVAGHLRSFQNKKSLVAFKIMPLEDMNEFTTHIL
EVINAHMVLSKANSQPSAGRAPISNPGMSEAGNFGGNSFMPANGLTVAQNQVLNLIKACPRPEGLNFQDLKNQLKHMSVS
SIKQAVDFLSNEGHIYSTVDDDHFKSTDAE
;
B
3 'polypeptide(L)'
;MVDMMDLPRSRINAGMLAQFIDKPVCFVGRLEKIHPTGKMFILSDGEGKNGTIELMEPLDEEISGIVEVVGRVTAKATIL
CTSYVQFKEDSHPFDLGLYNEAVKIIHDFPQFYPLGIVQHD
;
C
#
# COMPACT_ATOMS: atom_id res chain seq x y z
N ASN A 441 -14.31 -16.48 -2.07
CA ASN A 441 -15.34 -15.43 -1.95
C ASN A 441 -14.70 -14.06 -1.75
N TRP A 442 -14.72 -13.25 -2.80
CA TRP A 442 -14.14 -11.92 -2.77
C TRP A 442 -15.23 -10.89 -2.50
N LYS A 443 -15.00 -10.02 -1.51
CA LYS A 443 -15.99 -9.04 -1.10
C LYS A 443 -15.32 -7.71 -0.84
N THR A 444 -16.11 -6.64 -0.93
CA THR A 444 -15.66 -5.28 -0.66
C THR A 444 -16.50 -4.70 0.48
N LEU A 445 -15.84 -3.99 1.39
CA LEU A 445 -16.51 -3.52 2.60
C LEU A 445 -17.80 -2.77 2.26
N TYR A 446 -17.78 -1.98 1.19
CA TYR A 446 -18.98 -1.27 0.77
C TYR A 446 -20.10 -2.26 0.46
N GLU A 447 -19.80 -3.29 -0.32
CA GLU A 447 -20.83 -4.28 -0.64
C GLU A 447 -21.23 -5.07 0.61
N VAL A 448 -20.29 -5.31 1.52
CA VAL A 448 -20.64 -5.99 2.77
C VAL A 448 -21.69 -5.19 3.53
N LYS A 449 -21.50 -3.88 3.63
CA LYS A 449 -22.45 -3.04 4.35
C LYS A 449 -23.70 -2.74 3.53
N SER A 450 -23.68 -2.97 2.22
CA SER A 450 -24.79 -2.58 1.35
C SER A 450 -25.42 -3.74 0.59
N GLU A 451 -24.96 -4.98 0.79
CA GLU A 451 -25.52 -6.13 0.10
C GLU A 451 -26.17 -7.14 1.07
N ASN A 452 -26.59 -6.67 2.24
CA ASN A 452 -27.31 -7.51 3.21
C ASN A 452 -26.42 -8.65 3.71
N LEU A 453 -25.24 -8.31 4.21
CA LEU A 453 -24.31 -9.28 4.77
C LEU A 453 -24.27 -9.14 6.29
N GLY A 454 -24.39 -10.26 6.98
CA GLY A 454 -24.28 -10.29 8.43
C GLY A 454 -25.60 -10.09 9.13
N GLN A 455 -26.57 -9.45 8.45
CA GLN A 455 -27.87 -9.22 9.03
C GLN A 455 -28.66 -10.50 9.24
N GLY A 456 -28.23 -11.61 8.64
CA GLY A 456 -28.95 -12.86 8.74
C GLY A 456 -28.77 -13.53 10.10
N ASP A 457 -29.44 -14.68 10.23
CA ASP A 457 -29.41 -15.45 11.46
C ASP A 457 -28.23 -16.40 11.54
N LYS A 458 -27.39 -16.48 10.50
CA LYS A 458 -26.26 -17.38 10.48
C LYS A 458 -24.98 -16.61 10.25
N PRO A 459 -23.85 -17.05 10.82
CA PRO A 459 -22.58 -16.33 10.61
C PRO A 459 -22.08 -16.51 9.19
N ASP A 460 -22.00 -15.41 8.45
CA ASP A 460 -21.54 -15.42 7.08
C ASP A 460 -20.05 -15.06 7.05
N TYR A 461 -19.32 -15.69 6.12
CA TYR A 461 -17.88 -15.56 6.02
C TYR A 461 -17.53 -14.87 4.71
N PHE A 462 -16.51 -14.02 4.74
CA PHE A 462 -16.03 -13.33 3.55
C PHE A 462 -14.54 -13.04 3.70
N SER A 463 -13.88 -12.85 2.56
CA SER A 463 -12.46 -12.55 2.51
C SER A 463 -12.23 -11.32 1.64
N SER A 464 -11.37 -10.43 2.11
CA SER A 464 -11.08 -9.21 1.39
C SER A 464 -9.73 -8.66 1.86
N VAL A 465 -9.24 -7.66 1.13
CA VAL A 465 -7.94 -7.05 1.40
C VAL A 465 -8.18 -5.58 1.73
N ALA A 466 -7.58 -5.12 2.84
CA ALA A 466 -7.76 -3.75 3.29
C ALA A 466 -6.58 -3.38 4.17
N THR A 467 -6.44 -2.08 4.41
CA THR A 467 -5.33 -1.53 5.18
C THR A 467 -5.76 -1.27 6.62
N VAL A 468 -4.83 -1.45 7.54
CA VAL A 468 -5.08 -1.25 8.96
C VAL A 468 -4.84 0.22 9.30
N VAL A 469 -5.84 0.87 9.88
CA VAL A 469 -5.82 2.30 10.14
C VAL A 469 -5.53 2.60 11.60
N TYR A 470 -6.29 2.02 12.53
CA TYR A 470 -6.15 2.29 13.95
C TYR A 470 -6.14 0.99 14.73
N LEU A 471 -5.34 0.98 15.80
CA LEU A 471 -5.23 -0.16 16.71
C LEU A 471 -5.52 0.31 18.12
N ARG A 472 -6.49 -0.31 18.77
CA ARG A 472 -6.82 0.03 20.16
C ARG A 472 -5.68 -0.39 21.06
N LYS A 473 -5.01 0.58 21.68
CA LYS A 473 -3.81 0.32 22.46
C LYS A 473 -4.09 -0.07 23.90
N GLU A 474 -5.32 0.07 24.38
CA GLU A 474 -5.66 -0.23 25.76
C GLU A 474 -6.87 -1.13 25.82
N ASN A 475 -6.92 -1.95 26.86
CA ASN A 475 -7.96 -2.98 27.02
C ASN A 475 -7.87 -4.01 25.90
N CYS A 476 -6.70 -4.61 25.78
CA CYS A 476 -6.41 -5.62 24.77
C CYS A 476 -6.02 -6.98 25.33
N MET A 477 -5.39 -7.01 26.51
CA MET A 477 -4.89 -8.24 27.09
C MET A 477 -5.59 -8.51 28.41
N TYR A 478 -6.07 -9.74 28.58
CA TYR A 478 -6.70 -10.18 29.81
C TYR A 478 -6.09 -11.50 30.24
N GLN A 479 -5.77 -11.62 31.53
CA GLN A 479 -5.19 -12.86 32.02
C GLN A 479 -6.17 -14.01 31.83
N ALA A 480 -5.63 -15.19 31.51
CA ALA A 480 -6.44 -16.32 31.09
C ALA A 480 -6.03 -17.55 31.89
N CYS A 481 -6.81 -18.63 31.69
CA CYS A 481 -6.68 -19.84 32.49
C CYS A 481 -5.53 -20.71 31.97
N PRO A 482 -4.70 -21.27 32.85
CA PRO A 482 -3.64 -22.18 32.40
C PRO A 482 -4.12 -23.43 31.70
N THR A 483 -5.37 -23.84 31.88
CA THR A 483 -5.84 -25.05 31.21
C THR A 483 -5.87 -24.83 29.70
N GLN A 484 -6.11 -25.92 28.97
CA GLN A 484 -5.98 -25.90 27.52
C GLN A 484 -7.16 -25.21 26.82
N ASP A 485 -8.36 -25.25 27.41
CA ASP A 485 -9.52 -24.60 26.80
C ASP A 485 -10.49 -24.18 27.91
N CYS A 486 -10.91 -22.92 27.87
CA CYS A 486 -11.96 -22.42 28.74
C CYS A 486 -12.52 -21.14 28.17
N ASN A 487 -13.83 -21.11 27.95
CA ASN A 487 -14.53 -19.89 27.53
C ASN A 487 -14.92 -19.08 28.76
N LYS A 488 -13.89 -18.56 29.43
CA LYS A 488 -14.08 -17.83 30.67
C LYS A 488 -12.88 -16.94 30.93
N LYS A 489 -13.14 -15.70 31.34
CA LYS A 489 -12.10 -14.78 31.76
C LYS A 489 -11.85 -14.96 33.26
N VAL A 490 -10.61 -15.31 33.62
CA VAL A 490 -10.33 -15.63 35.02
C VAL A 490 -10.65 -14.44 35.91
N ILE A 491 -10.85 -14.73 37.19
CA ILE A 491 -11.16 -13.72 38.21
C ILE A 491 -10.10 -13.80 39.29
N ASP A 492 -9.65 -12.63 39.74
CA ASP A 492 -8.57 -12.56 40.72
C ASP A 492 -9.12 -12.77 42.13
N GLN A 493 -8.36 -13.52 42.95
CA GLN A 493 -8.69 -13.72 44.35
C GLN A 493 -7.84 -12.87 45.28
N GLN A 494 -6.91 -12.07 44.74
CA GLN A 494 -6.17 -11.09 45.50
C GLN A 494 -5.24 -11.73 46.54
N ASN A 495 -4.82 -12.97 46.29
CA ASN A 495 -3.88 -13.65 47.18
C ASN A 495 -2.88 -14.47 46.38
N GLY A 496 -2.53 -14.02 45.18
CA GLY A 496 -1.65 -14.79 44.33
C GLY A 496 -2.28 -16.02 43.72
N LEU A 497 -3.61 -16.13 43.80
CA LEU A 497 -4.34 -17.28 43.29
C LEU A 497 -5.54 -16.79 42.49
N TYR A 498 -5.92 -17.58 41.48
CA TYR A 498 -7.01 -17.25 40.58
C TYR A 498 -8.01 -18.39 40.56
N ARG A 499 -9.23 -18.08 40.14
CA ARG A 499 -10.31 -19.05 40.07
C ARG A 499 -11.02 -18.94 38.73
N CYS A 500 -11.51 -20.08 38.25
CA CYS A 500 -12.31 -20.15 37.04
C CYS A 500 -13.70 -20.66 37.39
N GLU A 501 -14.73 -19.93 36.96
CA GLU A 501 -16.09 -20.31 37.28
C GLU A 501 -16.55 -21.52 36.47
N LYS A 502 -16.14 -21.60 35.20
CA LYS A 502 -16.63 -22.67 34.34
C LYS A 502 -16.20 -24.04 34.86
N CYS A 503 -14.92 -24.17 35.24
CA CYS A 503 -14.40 -25.43 35.74
C CYS A 503 -14.31 -25.48 37.26
N ASP A 504 -14.42 -24.34 37.94
CA ASP A 504 -14.44 -24.30 39.39
C ASP A 504 -13.17 -24.92 39.98
N THR A 505 -12.04 -24.29 39.68
CA THR A 505 -10.73 -24.73 40.17
C THR A 505 -9.93 -23.50 40.54
N GLU A 506 -8.71 -23.72 41.03
CA GLU A 506 -7.82 -22.62 41.40
C GLU A 506 -6.38 -22.99 41.10
N PHE A 507 -5.68 -22.08 40.42
CA PHE A 507 -4.30 -22.25 40.00
C PHE A 507 -3.49 -21.03 40.42
N PRO A 508 -2.18 -21.18 40.58
CA PRO A 508 -1.33 -20.05 40.94
C PRO A 508 -0.70 -19.31 39.76
N ASN A 509 -1.10 -19.60 38.52
CA ASN A 509 -0.50 -18.98 37.35
C ASN A 509 -1.59 -18.63 36.35
N PHE A 510 -1.28 -17.66 35.49
CA PHE A 510 -2.20 -17.19 34.45
C PHE A 510 -1.47 -17.08 33.13
N LYS A 511 -2.22 -17.27 32.04
CA LYS A 511 -1.70 -17.15 30.69
C LYS A 511 -2.26 -15.90 30.05
N TYR A 512 -1.40 -15.10 29.43
CA TYR A 512 -1.87 -13.94 28.70
C TYR A 512 -2.56 -14.37 27.42
N ARG A 513 -3.44 -13.50 26.93
CA ARG A 513 -4.14 -13.75 25.68
C ARG A 513 -4.56 -12.40 25.11
N MET A 514 -4.91 -12.40 23.82
CA MET A 514 -5.13 -11.16 23.09
C MET A 514 -6.53 -11.12 22.48
N ILE A 515 -7.21 -10.01 22.72
CA ILE A 515 -8.40 -9.63 21.96
C ILE A 515 -8.15 -8.21 21.47
N LEU A 516 -8.17 -8.02 20.15
CA LEU A 516 -7.89 -6.73 19.56
C LEU A 516 -9.04 -6.30 18.66
N SER A 517 -9.47 -5.06 18.84
CA SER A 517 -10.42 -4.41 17.95
C SER A 517 -9.64 -3.46 17.05
N VAL A 518 -9.84 -3.59 15.74
CA VAL A 518 -9.09 -2.84 14.75
C VAL A 518 -10.04 -2.34 13.69
N ASN A 519 -9.70 -1.21 13.07
CA ASN A 519 -10.47 -0.63 11.99
C ASN A 519 -9.74 -0.88 10.68
N ILE A 520 -10.43 -1.51 9.72
CA ILE A 520 -9.88 -1.79 8.41
C ILE A 520 -10.54 -0.86 7.41
N ALA A 521 -9.74 -0.18 6.60
CA ALA A 521 -10.23 0.79 5.65
C ALA A 521 -9.76 0.43 4.25
N ASP A 522 -10.60 0.74 3.27
CA ASP A 522 -10.24 0.57 1.87
C ASP A 522 -10.52 1.86 1.11
N PHE A 523 -10.47 1.78 -0.22
CA PHE A 523 -10.66 2.95 -1.06
C PHE A 523 -12.08 3.49 -1.06
N GLN A 524 -13.03 2.83 -0.38
CA GLN A 524 -14.42 3.29 -0.38
C GLN A 524 -15.11 3.24 0.98
N GLU A 525 -14.62 2.47 1.94
CA GLU A 525 -15.36 2.27 3.18
C GLU A 525 -14.41 1.76 4.25
N ASN A 526 -14.88 1.79 5.50
CA ASN A 526 -14.14 1.26 6.63
C ASN A 526 -15.06 0.42 7.48
N GLN A 527 -14.46 -0.47 8.28
CA GLN A 527 -15.21 -1.42 9.09
C GLN A 527 -14.43 -1.71 10.36
N TRP A 528 -15.15 -2.05 11.41
CA TRP A 528 -14.57 -2.45 12.68
C TRP A 528 -14.61 -3.97 12.79
N VAL A 529 -13.48 -4.58 13.17
CA VAL A 529 -13.38 -6.02 13.37
C VAL A 529 -12.59 -6.27 14.64
N THR A 530 -12.75 -7.47 15.19
CA THR A 530 -12.06 -7.90 16.40
C THR A 530 -11.21 -9.12 16.12
N CYS A 531 -10.00 -9.13 16.71
CA CYS A 531 -9.01 -10.16 16.45
C CYS A 531 -8.64 -10.86 17.75
N PHE A 532 -8.57 -12.19 17.71
CA PHE A 532 -8.16 -12.99 18.85
C PHE A 532 -6.65 -13.24 18.76
N GLN A 533 -6.14 -14.17 19.57
CA GLN A 533 -4.70 -14.34 19.66
C GLN A 533 -4.09 -14.73 18.32
N GLU A 534 -4.75 -15.63 17.57
CA GLU A 534 -4.15 -16.14 16.34
C GLU A 534 -3.87 -15.01 15.36
N SER A 535 -4.88 -14.19 15.06
CA SER A 535 -4.71 -13.10 14.10
C SER A 535 -3.97 -11.92 14.71
N ALA A 536 -4.16 -11.67 16.00
CA ALA A 536 -3.47 -10.56 16.65
C ALA A 536 -1.96 -10.76 16.62
N GLU A 537 -1.50 -11.98 16.90
CA GLU A 537 -0.06 -12.23 16.88
C GLU A 537 0.50 -12.06 15.47
N ALA A 538 -0.28 -12.42 14.45
CA ALA A 538 0.18 -12.22 13.07
C ALA A 538 0.29 -10.73 12.75
N ILE A 539 -0.77 -9.96 13.02
CA ILE A 539 -0.77 -8.56 12.65
C ILE A 539 0.32 -7.80 13.41
N LEU A 540 0.45 -8.07 14.71
CA LEU A 540 1.51 -7.44 15.48
C LEU A 540 2.87 -8.07 15.21
N GLY A 541 2.93 -9.18 14.50
CA GLY A 541 4.20 -9.83 14.25
C GLY A 541 4.90 -10.25 15.52
N GLN A 542 4.14 -10.68 16.53
CA GLN A 542 4.72 -11.10 17.80
C GLN A 542 3.80 -12.11 18.46
N ASN A 543 4.35 -12.84 19.41
CA ASN A 543 3.58 -13.79 20.21
C ASN A 543 2.92 -13.07 21.38
N ALA A 544 1.85 -13.70 21.89
CA ALA A 544 1.06 -13.04 22.93
C ALA A 544 1.89 -12.81 24.19
N ALA A 545 2.69 -13.79 24.60
CA ALA A 545 3.44 -13.65 25.85
C ALA A 545 4.46 -12.52 25.74
N TYR A 546 5.14 -12.41 24.60
CA TYR A 546 6.15 -11.38 24.45
C TYR A 546 5.54 -9.99 24.55
N LEU A 547 4.40 -9.78 23.87
CA LEU A 547 3.72 -8.50 23.95
C LEU A 547 3.21 -8.23 25.37
N GLY A 548 2.71 -9.27 26.03
CA GLY A 548 2.27 -9.11 27.41
C GLY A 548 3.39 -8.64 28.30
N GLU A 549 4.58 -9.24 28.16
CA GLU A 549 5.73 -8.77 28.91
C GLU A 549 6.09 -7.35 28.53
N LEU A 550 6.02 -7.02 27.23
CA LEU A 550 6.44 -5.71 26.76
C LEU A 550 5.56 -4.61 27.32
N LYS A 551 4.23 -4.82 27.34
CA LYS A 551 3.33 -3.77 27.80
C LYS A 551 3.62 -3.40 29.25
N ASP A 552 3.94 -4.38 30.08
CA ASP A 552 4.22 -4.15 31.49
C ASP A 552 5.69 -3.92 31.77
N LYS A 553 6.55 -3.90 30.75
CA LYS A 553 7.97 -3.71 30.94
C LYS A 553 8.51 -2.57 30.08
N ASN A 554 7.95 -2.42 28.87
CA ASN A 554 8.42 -1.39 27.93
C ASN A 554 7.19 -0.89 27.17
N GLU A 555 6.61 0.20 27.66
CA GLU A 555 5.40 0.73 27.05
C GLU A 555 5.69 1.43 25.73
N GLN A 556 6.83 2.12 25.61
CA GLN A 556 7.18 2.77 24.35
C GLN A 556 7.33 1.76 23.23
N ALA A 557 7.99 0.63 23.50
CA ALA A 557 8.08 -0.41 22.49
C ALA A 557 6.71 -1.02 22.20
N PHE A 558 5.88 -1.15 23.22
CA PHE A 558 4.51 -1.61 23.02
C PHE A 558 3.80 -0.72 22.00
N GLU A 559 3.89 0.59 22.20
CA GLU A 559 3.28 1.53 21.26
C GLU A 559 3.91 1.40 19.88
N GLU A 560 5.23 1.29 19.83
CA GLU A 560 5.93 1.20 18.54
C GLU A 560 5.48 -0.02 17.76
N VAL A 561 5.12 -1.09 18.45
CA VAL A 561 4.62 -2.28 17.75
C VAL A 561 3.38 -1.94 16.94
N PHE A 562 2.41 -1.29 17.58
CA PHE A 562 1.20 -0.88 16.87
C PHE A 562 1.54 0.12 15.78
N GLN A 563 2.45 1.05 16.07
CA GLN A 563 2.82 2.04 15.06
C GLN A 563 3.34 1.36 13.80
N ASN A 564 4.31 0.46 13.95
CA ASN A 564 4.87 -0.24 12.80
C ASN A 564 3.80 -1.05 12.10
N ALA A 565 2.96 -1.75 12.86
CA ALA A 565 1.89 -2.52 12.25
C ALA A 565 0.85 -1.63 11.58
N ASN A 566 0.83 -0.34 11.88
CA ASN A 566 -0.20 0.52 11.35
C ASN A 566 0.03 0.81 9.87
N PHE A 567 -1.08 0.95 9.14
CA PHE A 567 -1.13 1.27 7.71
C PHE A 567 -0.67 0.12 6.83
N ARG A 568 -0.31 -1.02 7.39
CA ARG A 568 0.04 -2.18 6.58
C ARG A 568 -1.22 -2.74 5.91
N SER A 569 -0.99 -3.56 4.88
CA SER A 569 -2.06 -4.21 4.15
C SER A 569 -1.95 -5.71 4.34
N PHE A 570 -3.07 -6.36 4.64
CA PHE A 570 -3.15 -7.80 4.78
C PHE A 570 -4.37 -8.30 4.00
N ILE A 571 -4.40 -9.62 3.78
CA ILE A 571 -5.57 -10.28 3.21
C ILE A 571 -6.40 -10.81 4.38
N PHE A 572 -7.63 -10.35 4.49
CA PHE A 572 -8.46 -10.59 5.67
C PHE A 572 -9.60 -11.54 5.32
N ARG A 573 -9.77 -12.56 6.17
CA ARG A 573 -10.93 -13.45 6.12
C ARG A 573 -11.72 -13.23 7.39
N VAL A 574 -12.93 -12.70 7.27
CA VAL A 574 -13.71 -12.25 8.41
C VAL A 574 -15.11 -12.85 8.33
N ARG A 575 -15.73 -13.01 9.49
CA ARG A 575 -17.13 -13.42 9.58
C ARG A 575 -17.91 -12.38 10.38
N VAL A 576 -19.16 -12.16 9.99
CA VAL A 576 -20.00 -11.13 10.59
C VAL A 576 -21.34 -11.74 10.97
N LYS A 577 -21.83 -11.39 12.15
CA LYS A 577 -23.13 -11.85 12.62
C LYS A 577 -23.72 -10.80 13.55
N VAL A 578 -25.03 -10.86 13.71
CA VAL A 578 -25.76 -9.89 14.52
C VAL A 578 -25.85 -10.42 15.94
N GLU A 579 -25.46 -9.59 16.92
CA GLU A 579 -25.55 -9.91 18.32
C GLU A 579 -26.59 -9.02 18.98
N THR A 580 -27.44 -9.62 19.80
CA THR A 580 -28.49 -8.89 20.51
C THR A 580 -28.00 -8.57 21.92
N TYR A 581 -27.95 -7.29 22.26
CA TYR A 581 -27.56 -6.83 23.58
C TYR A 581 -28.57 -5.79 24.04
N ASN A 582 -29.04 -5.94 25.27
CA ASN A 582 -29.99 -4.99 25.86
C ASN A 582 -31.02 -4.53 24.84
N ASP A 583 -31.45 -5.46 23.98
CA ASP A 583 -32.48 -5.20 22.96
C ASP A 583 -32.01 -4.24 21.88
N GLU A 584 -30.73 -4.29 21.52
CA GLU A 584 -30.23 -3.62 20.31
C GLU A 584 -29.56 -4.67 19.43
N SER A 585 -29.91 -4.67 18.15
CA SER A 585 -29.34 -5.60 17.18
C SER A 585 -28.26 -4.88 16.39
N ARG A 586 -27.04 -5.43 16.41
CA ARG A 586 -25.92 -4.83 15.70
C ARG A 586 -24.98 -5.93 15.25
N ILE A 587 -24.20 -5.64 14.22
CA ILE A 587 -23.35 -6.63 13.57
C ILE A 587 -21.97 -6.59 14.22
N LYS A 588 -21.46 -7.76 14.60
CA LYS A 588 -20.11 -7.90 15.11
C LYS A 588 -19.28 -8.70 14.12
N ALA A 589 -18.02 -8.30 13.94
CA ALA A 589 -17.13 -8.91 12.95
C ALA A 589 -15.91 -9.49 13.68
N THR A 590 -15.56 -10.72 13.32
CA THR A 590 -14.42 -11.41 13.89
C THR A 590 -13.49 -11.87 12.77
N VAL A 591 -12.19 -11.68 12.97
CA VAL A 591 -11.20 -12.02 11.96
C VAL A 591 -10.83 -13.48 12.07
N MET A 592 -10.88 -14.20 10.95
CA MET A 592 -10.50 -15.60 10.91
C MET A 592 -9.01 -15.77 10.62
N ASP A 593 -8.53 -15.22 9.51
CA ASP A 593 -7.17 -15.44 9.05
C ASP A 593 -6.53 -14.13 8.62
N VAL A 594 -5.22 -14.03 8.85
CA VAL A 594 -4.42 -12.88 8.44
C VAL A 594 -3.18 -13.41 7.73
N LYS A 595 -2.96 -12.95 6.50
CA LYS A 595 -1.82 -13.34 5.69
C LYS A 595 -1.34 -12.15 4.90
N PRO A 596 -0.07 -12.14 4.47
CA PRO A 596 0.39 -11.09 3.56
C PRO A 596 -0.33 -11.17 2.23
N VAL A 597 -0.03 -10.20 1.36
CA VAL A 597 -0.76 -9.99 0.13
C VAL A 597 -0.06 -10.69 -1.03
N ASP A 598 -0.85 -11.14 -2.00
CA ASP A 598 -0.34 -11.73 -3.25
C ASP A 598 -0.41 -10.67 -4.33
N TYR A 599 0.71 -9.99 -4.56
CA TYR A 599 0.72 -8.87 -5.49
C TYR A 599 0.38 -9.31 -6.91
N ARG A 600 0.98 -10.42 -7.37
CA ARG A 600 0.78 -10.83 -8.75
C ARG A 600 -0.68 -11.19 -9.01
N GLU A 601 -1.25 -12.07 -8.18
CA GLU A 601 -2.64 -12.46 -8.36
C GLU A 601 -3.58 -11.30 -8.08
N TYR A 602 -3.24 -10.45 -7.13
CA TYR A 602 -4.05 -9.27 -6.85
C TYR A 602 -4.14 -8.39 -8.10
N GLY A 603 -2.99 -8.15 -8.74
CA GLY A 603 -2.99 -7.36 -9.96
C GLY A 603 -3.73 -8.05 -11.09
N ARG A 604 -3.60 -9.37 -11.21
CA ARG A 604 -4.31 -10.09 -12.25
C ARG A 604 -5.82 -9.96 -12.07
N ARG A 605 -6.30 -10.13 -10.83
CA ARG A 605 -7.72 -9.96 -10.57
C ARG A 605 -8.15 -8.52 -10.86
N LEU A 606 -7.36 -7.54 -10.45
CA LEU A 606 -7.72 -6.15 -10.70
C LEU A 606 -7.86 -5.87 -12.19
N VAL A 607 -6.88 -6.33 -12.98
CA VAL A 607 -6.91 -6.04 -14.41
C VAL A 607 -8.06 -6.78 -15.08
N MET A 608 -8.31 -8.03 -14.68
CA MET A 608 -9.44 -8.76 -15.26
C MET A 608 -10.76 -8.05 -14.95
N SER A 609 -10.93 -7.60 -13.71
CA SER A 609 -12.15 -6.89 -13.34
C SER A 609 -12.28 -5.60 -14.14
N ILE A 610 -11.18 -4.85 -14.28
CA ILE A 610 -11.23 -3.58 -14.98
C ILE A 610 -11.64 -3.80 -16.44
N ARG A 611 -10.95 -4.73 -17.12
CA ARG A 611 -11.26 -4.97 -18.52
C ARG A 611 -12.68 -5.48 -18.69
N ARG A 612 -13.09 -6.44 -17.86
CA ARG A 612 -14.44 -6.99 -17.99
C ARG A 612 -15.49 -5.94 -17.66
N SER A 613 -15.33 -5.26 -16.53
CA SER A 613 -16.36 -4.35 -16.06
C SER A 613 -16.61 -3.21 -17.05
N ALA A 614 -15.54 -2.62 -17.56
CA ALA A 614 -15.69 -1.48 -18.46
C ALA A 614 -16.41 -1.88 -19.74
N LEU A 615 -16.06 -3.04 -20.30
CA LEU A 615 -16.61 -3.45 -21.58
C LEU A 615 -18.09 -3.79 -21.51
N MET A 616 -18.64 -4.01 -20.32
CA MET A 616 -20.07 -4.28 -20.17
C MET A 616 -20.88 -3.11 -20.71
N ILE B 51 0.52 11.82 -8.26
CA ILE B 51 0.89 13.23 -7.91
C ILE B 51 0.30 14.19 -8.95
N SER B 52 -0.01 13.66 -10.13
CA SER B 52 -0.61 14.51 -11.17
C SER B 52 -1.96 15.05 -10.72
N GLN B 53 -2.77 14.20 -10.10
CA GLN B 53 -4.12 14.58 -9.69
C GLN B 53 -4.17 15.23 -8.31
N LEU B 54 -3.09 15.14 -7.53
CA LEU B 54 -3.07 15.85 -6.25
C LEU B 54 -2.91 17.34 -6.45
N LEU B 55 -2.00 17.75 -7.32
CA LEU B 55 -1.77 19.17 -7.56
C LEU B 55 -2.96 19.83 -8.24
N SER B 56 -3.88 19.05 -8.81
CA SER B 56 -5.08 19.59 -9.45
C SER B 56 -6.28 19.61 -8.52
N ALA B 57 -6.10 19.35 -7.24
CA ALA B 57 -7.21 19.28 -6.31
C ALA B 57 -7.64 20.67 -5.86
N THR B 58 -8.96 20.87 -5.78
CA THR B 58 -9.52 22.12 -5.30
C THR B 58 -9.50 22.14 -3.77
N LEU B 59 -9.54 23.35 -3.20
CA LEU B 59 -9.61 23.56 -1.76
C LEU B 59 -10.89 24.31 -1.44
N VAL B 60 -11.81 23.65 -0.75
CA VAL B 60 -13.05 24.26 -0.27
C VAL B 60 -13.23 23.85 1.19
N ASP B 61 -13.70 24.80 2.01
CA ASP B 61 -14.02 24.62 3.41
C ASP B 61 -13.12 23.59 4.09
N GLU B 62 -11.80 23.76 3.93
CA GLU B 62 -10.76 23.00 4.61
C GLU B 62 -10.64 21.55 4.13
N VAL B 63 -11.47 21.12 3.19
CA VAL B 63 -11.45 19.74 2.70
C VAL B 63 -11.26 19.77 1.19
N PHE B 64 -10.23 19.08 0.70
CA PHE B 64 -9.89 19.12 -0.71
C PHE B 64 -10.71 18.08 -1.48
N ARG B 65 -11.02 18.44 -2.73
CA ARG B 65 -11.83 17.60 -3.60
C ARG B 65 -11.11 17.39 -4.91
N ILE B 66 -11.40 16.25 -5.55
CA ILE B 66 -10.91 15.93 -6.88
C ILE B 66 -12.09 15.48 -7.71
N GLY B 67 -12.26 16.08 -8.89
CA GLY B 67 -13.35 15.68 -9.77
C GLY B 67 -14.69 15.80 -9.08
N ASN B 68 -15.29 14.64 -8.76
CA ASN B 68 -16.56 14.58 -8.04
C ASN B 68 -16.42 13.78 -6.75
N VAL B 69 -15.21 13.67 -6.20
CA VAL B 69 -14.93 12.85 -5.04
C VAL B 69 -14.06 13.64 -4.07
N GLU B 70 -14.35 13.49 -2.78
CA GLU B 70 -13.55 14.10 -1.73
C GLU B 70 -12.36 13.21 -1.39
N ILE B 71 -11.32 13.82 -0.85
CA ILE B 71 -10.15 13.09 -0.36
C ILE B 71 -9.61 13.82 0.86
N SER B 72 -9.25 13.05 1.88
CA SER B 72 -8.59 13.60 3.06
C SER B 72 -7.31 12.85 3.41
N GLN B 73 -7.31 11.53 3.26
CA GLN B 73 -6.13 10.70 3.49
C GLN B 73 -5.79 9.98 2.20
N VAL B 74 -4.53 10.07 1.78
CA VAL B 74 -4.09 9.50 0.51
C VAL B 74 -2.78 8.77 0.70
N THR B 75 -2.48 7.90 -0.27
CA THR B 75 -1.22 7.17 -0.31
C THR B 75 -0.76 7.09 -1.76
N ILE B 76 0.55 7.23 -1.97
CA ILE B 76 1.16 7.16 -3.29
C ILE B 76 2.53 6.51 -3.17
N VAL B 77 3.14 6.25 -4.33
CA VAL B 77 4.45 5.61 -4.41
C VAL B 77 5.29 6.37 -5.43
N GLY B 78 6.57 6.56 -5.10
CA GLY B 78 7.46 7.29 -5.99
C GLY B 78 8.90 7.10 -5.53
N ILE B 79 9.80 7.79 -6.24
CA ILE B 79 11.24 7.69 -5.99
C ILE B 79 11.70 8.98 -5.34
N ILE B 80 12.42 8.84 -4.22
CA ILE B 80 13.02 10.01 -3.59
C ILE B 80 14.01 10.66 -4.55
N ARG B 81 14.05 11.99 -4.53
CA ARG B 81 15.01 12.75 -5.32
C ARG B 81 16.02 13.47 -4.45
N HIS B 82 15.57 14.20 -3.43
CA HIS B 82 16.47 14.89 -2.51
C HIS B 82 15.77 15.08 -1.18
N ALA B 83 16.56 15.15 -0.11
CA ALA B 83 16.02 15.35 1.22
C ALA B 83 17.00 16.21 2.02
N GLU B 84 16.46 16.91 3.02
CA GLU B 84 17.27 17.75 3.89
C GLU B 84 16.85 17.53 5.32
N LYS B 85 17.78 17.81 6.24
CA LYS B 85 17.56 17.58 7.66
C LYS B 85 17.20 18.88 8.36
N ALA B 86 16.19 18.82 9.22
CA ALA B 86 15.81 19.93 10.08
C ALA B 86 15.64 19.41 11.50
N PRO B 87 15.83 20.26 12.51
CA PRO B 87 15.72 19.78 13.89
C PRO B 87 14.35 19.23 14.24
N THR B 88 13.30 19.59 13.49
CA THR B 88 11.93 19.24 13.84
C THR B 88 11.22 18.38 12.80
N ASN B 89 11.64 18.38 11.54
CA ASN B 89 10.92 17.65 10.52
C ASN B 89 11.87 17.33 9.37
N ILE B 90 11.35 16.63 8.36
CA ILE B 90 12.11 16.26 7.17
C ILE B 90 11.21 16.49 5.97
N VAL B 91 11.82 16.89 4.86
CA VAL B 91 11.11 17.12 3.61
C VAL B 91 11.77 16.29 2.52
N TYR B 92 10.97 15.52 1.79
CA TYR B 92 11.44 14.75 0.65
C TYR B 92 10.77 15.26 -0.61
N LYS B 93 11.47 15.11 -1.74
CA LYS B 93 10.92 15.45 -3.05
C LYS B 93 10.60 14.15 -3.77
N ILE B 94 9.36 13.69 -3.61
CA ILE B 94 8.93 12.40 -4.13
C ILE B 94 8.47 12.59 -5.57
N ASP B 95 9.02 11.78 -6.47
CA ASP B 95 8.71 11.84 -7.89
C ASP B 95 8.07 10.53 -8.33
N ASP B 96 6.93 10.62 -9.00
CA ASP B 96 6.27 9.46 -9.59
C ASP B 96 6.20 9.55 -11.11
N MET B 97 6.89 10.52 -11.72
CA MET B 97 7.05 10.58 -13.17
C MET B 97 5.72 10.85 -13.88
N THR B 98 4.90 11.74 -13.31
CA THR B 98 3.76 12.30 -14.03
C THR B 98 3.61 13.79 -13.77
N ALA B 99 4.52 14.39 -13.01
CA ALA B 99 4.54 15.84 -12.77
C ALA B 99 5.82 16.13 -12.00
N ALA B 100 6.03 17.41 -11.69
CA ALA B 100 7.25 17.80 -11.02
C ALA B 100 7.32 17.17 -9.63
N PRO B 101 8.52 17.02 -9.07
CA PRO B 101 8.65 16.40 -7.75
C PRO B 101 7.84 17.11 -6.68
N MET B 102 6.83 16.44 -6.15
CA MET B 102 6.03 16.99 -5.06
C MET B 102 6.86 17.03 -3.78
N ASP B 103 6.32 17.70 -2.77
CA ASP B 103 6.96 17.82 -1.47
C ASP B 103 6.13 17.07 -0.43
N VAL B 104 6.82 16.32 0.43
CA VAL B 104 6.19 15.60 1.53
C VAL B 104 6.97 15.92 2.79
N ARG B 105 6.24 16.23 3.87
CA ARG B 105 6.83 16.68 5.12
C ARG B 105 6.49 15.70 6.23
N GLN B 106 7.51 15.28 6.97
CA GLN B 106 7.32 14.40 8.11
C GLN B 106 8.04 14.99 9.31
N TRP B 107 7.38 14.93 10.47
CA TRP B 107 7.92 15.50 11.69
C TRP B 107 8.78 14.47 12.43
N VAL B 108 9.61 14.97 13.33
CA VAL B 108 10.46 14.11 14.14
C VAL B 108 9.61 13.42 15.20
N VAL B 119 16.51 8.34 7.95
CA VAL B 119 16.24 8.99 6.68
C VAL B 119 16.49 8.03 5.52
N VAL B 120 15.56 7.97 4.59
CA VAL B 120 15.72 7.08 3.42
C VAL B 120 16.73 7.71 2.46
N PRO B 121 17.78 7.00 2.06
CA PRO B 121 18.74 7.58 1.12
C PRO B 121 18.11 7.80 -0.23
N PRO B 122 18.73 8.62 -1.09
CA PRO B 122 18.07 8.99 -2.36
C PRO B 122 17.94 7.82 -3.32
N GLU B 123 17.19 8.03 -4.40
CA GLU B 123 17.02 7.08 -5.50
C GLU B 123 16.22 5.84 -5.09
N THR B 124 15.66 5.82 -3.89
CA THR B 124 14.94 4.66 -3.39
C THR B 124 13.44 4.85 -3.58
N TYR B 125 12.77 3.80 -4.03
CA TYR B 125 11.32 3.81 -4.08
C TYR B 125 10.74 3.72 -2.69
N VAL B 126 9.63 4.42 -2.45
CA VAL B 126 8.97 4.42 -1.16
C VAL B 126 7.47 4.55 -1.37
N LYS B 127 6.71 4.11 -0.37
CA LYS B 127 5.26 4.29 -0.32
C LYS B 127 4.93 5.15 0.89
N VAL B 128 4.07 6.14 0.69
CA VAL B 128 3.74 7.12 1.71
C VAL B 128 2.23 7.20 1.84
N ALA B 129 1.78 7.54 3.06
CA ALA B 129 0.38 7.81 3.34
C ALA B 129 0.31 9.00 4.28
N GLY B 130 -0.55 9.96 3.97
CA GLY B 130 -0.54 11.19 4.72
C GLY B 130 -1.70 12.09 4.39
N HIS B 131 -1.57 13.34 4.81
CA HIS B 131 -2.60 14.36 4.67
C HIS B 131 -2.22 15.39 3.63
N LEU B 132 -3.23 15.97 2.99
CA LEU B 132 -3.04 16.99 1.96
C LEU B 132 -3.22 18.37 2.58
N ARG B 133 -2.25 19.25 2.36
CA ARG B 133 -2.26 20.59 2.90
C ARG B 133 -2.03 21.61 1.79
N SER B 134 -2.51 22.83 2.03
CA SER B 134 -2.26 23.96 1.13
C SER B 134 -1.83 25.15 1.96
N PHE B 135 -0.70 25.75 1.58
CA PHE B 135 -0.12 26.88 2.30
C PHE B 135 0.33 27.91 1.28
N GLN B 136 -0.22 29.12 1.37
CA GLN B 136 0.00 30.15 0.36
C GLN B 136 -0.37 29.63 -1.02
N ASN B 137 -1.46 28.87 -1.09
CA ASN B 137 -1.98 28.32 -2.33
C ASN B 137 -1.00 27.35 -2.99
N LYS B 138 -0.11 26.75 -2.20
CA LYS B 138 0.86 25.78 -2.70
C LYS B 138 0.56 24.42 -2.07
N LYS B 139 0.35 23.41 -2.91
CA LYS B 139 0.00 22.09 -2.41
C LYS B 139 1.20 21.41 -1.76
N SER B 140 0.90 20.53 -0.80
CA SER B 140 1.93 19.80 -0.07
C SER B 140 1.29 18.59 0.58
N LEU B 141 2.13 17.71 1.13
CA LEU B 141 1.68 16.52 1.83
C LEU B 141 2.35 16.42 3.19
N VAL B 142 1.58 16.02 4.19
CA VAL B 142 2.09 15.66 5.50
C VAL B 142 1.88 14.17 5.67
N ALA B 143 2.97 13.44 5.90
CA ALA B 143 2.98 11.99 5.82
C ALA B 143 2.98 11.37 7.21
N PHE B 144 2.03 10.46 7.45
CA PHE B 144 2.04 9.70 8.69
C PHE B 144 3.25 8.76 8.75
N LYS B 145 3.51 8.05 7.64
CA LYS B 145 4.54 7.02 7.61
C LYS B 145 5.06 6.87 6.19
N ILE B 146 6.35 6.58 6.07
CA ILE B 146 7.00 6.33 4.79
C ILE B 146 7.73 4.99 4.89
N MET B 147 7.52 4.13 3.90
CA MET B 147 8.08 2.78 3.95
C MET B 147 8.73 2.43 2.61
N PRO B 148 10.01 2.10 2.59
CA PRO B 148 10.63 1.65 1.33
C PRO B 148 10.00 0.35 0.85
N LEU B 149 9.84 0.23 -0.47
CA LEU B 149 9.39 -1.02 -1.05
C LEU B 149 10.49 -2.07 -0.95
N GLU B 150 10.06 -3.33 -0.80
CA GLU B 150 10.95 -4.48 -0.84
C GLU B 150 10.68 -5.36 -2.05
N ASP B 151 9.44 -5.81 -2.21
CA ASP B 151 8.99 -6.40 -3.46
C ASP B 151 8.72 -5.26 -4.42
N MET B 152 9.31 -5.32 -5.61
CA MET B 152 9.11 -4.25 -6.58
C MET B 152 7.75 -4.32 -7.24
N ASN B 153 6.98 -5.39 -7.02
CA ASN B 153 5.64 -5.49 -7.58
C ASN B 153 4.64 -4.58 -6.88
N GLU B 154 5.01 -4.00 -5.73
CA GLU B 154 4.05 -3.16 -5.02
C GLU B 154 3.61 -1.99 -5.86
N PHE B 155 4.55 -1.31 -6.53
CA PHE B 155 4.13 -0.13 -7.29
C PHE B 155 3.44 -0.52 -8.59
N THR B 156 3.78 -1.67 -9.17
CA THR B 156 3.02 -2.15 -10.30
C THR B 156 1.56 -2.41 -9.90
N THR B 157 1.35 -2.98 -8.73
CA THR B 157 -0.01 -3.14 -8.22
C THR B 157 -0.66 -1.80 -7.92
N HIS B 158 0.11 -0.85 -7.38
CA HIS B 158 -0.42 0.45 -7.03
C HIS B 158 -0.93 1.19 -8.26
N ILE B 159 -0.24 1.02 -9.38
CA ILE B 159 -0.67 1.69 -10.61
C ILE B 159 -2.08 1.25 -11.00
N LEU B 160 -2.38 -0.03 -10.81
CA LEU B 160 -3.73 -0.53 -11.09
C LEU B 160 -4.71 -0.15 -9.98
N GLU B 161 -4.23 -0.11 -8.74
CA GLU B 161 -5.08 0.29 -7.63
C GLU B 161 -5.60 1.71 -7.84
N VAL B 162 -4.74 2.61 -8.34
CA VAL B 162 -5.14 3.99 -8.52
C VAL B 162 -6.26 4.08 -9.56
N ILE B 163 -6.10 3.39 -10.69
CA ILE B 163 -7.13 3.47 -11.72
C ILE B 163 -8.42 2.80 -11.25
N ASN B 164 -8.32 1.73 -10.46
CA ASN B 164 -9.54 1.13 -9.92
C ASN B 164 -10.24 2.10 -8.97
N ALA B 165 -9.48 2.71 -8.06
CA ALA B 165 -10.07 3.56 -7.04
C ALA B 165 -10.71 4.80 -7.67
N HIS B 166 -9.96 5.54 -8.46
CA HIS B 166 -10.47 6.77 -9.05
C HIS B 166 -11.36 6.51 -10.26
N MET B 167 -11.85 5.28 -10.42
CA MET B 167 -12.80 4.96 -11.48
C MET B 167 -14.08 4.40 -10.88
N VAL B 168 -13.97 3.65 -9.79
CA VAL B 168 -15.15 3.07 -9.17
C VAL B 168 -16.04 4.16 -8.59
N LEU B 169 -15.46 5.10 -7.84
CA LEU B 169 -16.26 6.14 -7.21
C LEU B 169 -16.93 7.05 -8.23
N SER B 170 -16.32 7.24 -9.39
CA SER B 170 -16.88 8.15 -10.39
C SER B 170 -18.28 7.70 -10.79
N LYS B 171 -18.46 6.40 -11.03
CA LYS B 171 -19.77 5.90 -11.42
C LYS B 171 -20.74 5.95 -10.24
N ALA B 172 -20.24 5.76 -9.01
CA ALA B 172 -21.13 5.82 -7.85
C ALA B 172 -21.77 7.19 -7.72
N ASN B 173 -21.00 8.26 -7.90
CA ASN B 173 -21.53 9.60 -7.84
C ASN B 173 -22.41 9.93 -9.05
N SER B 174 -22.35 9.13 -10.10
CA SER B 174 -23.16 9.37 -11.30
C SER B 174 -24.63 9.14 -11.01
N MET C 1 14.32 26.52 -23.66
CA MET C 1 14.61 25.14 -23.17
C MET C 1 14.24 25.01 -21.70
N VAL C 2 13.72 23.85 -21.33
CA VAL C 2 13.31 23.56 -19.96
C VAL C 2 13.78 22.16 -19.58
N ASP C 3 14.21 22.02 -18.33
CA ASP C 3 14.69 20.73 -17.85
C ASP C 3 13.61 19.67 -18.02
N MET C 4 14.04 18.49 -18.49
CA MET C 4 13.11 17.38 -18.67
C MET C 4 12.73 16.70 -17.37
N MET C 5 13.50 16.91 -16.31
CA MET C 5 13.19 16.29 -15.02
C MET C 5 11.86 16.78 -14.48
N ASP C 6 11.36 17.93 -14.94
CA ASP C 6 10.16 18.55 -14.41
C ASP C 6 9.02 18.50 -15.43
N LEU C 7 8.91 17.41 -16.16
CA LEU C 7 7.88 17.26 -17.18
C LEU C 7 7.09 15.99 -16.94
N PRO C 8 5.91 15.84 -17.56
CA PRO C 8 5.15 14.59 -17.42
C PRO C 8 5.72 13.44 -18.25
N ARG C 9 6.73 12.78 -17.70
CA ARG C 9 7.36 11.64 -18.36
C ARG C 9 6.35 10.51 -18.53
N SER C 10 6.15 10.07 -19.77
CA SER C 10 5.24 8.97 -20.04
C SER C 10 5.93 7.63 -19.82
N ARG C 11 5.11 6.60 -19.62
CA ARG C 11 5.57 5.22 -19.48
C ARG C 11 5.09 4.42 -20.67
N ILE C 12 6.02 3.78 -21.38
CA ILE C 12 5.68 3.02 -22.59
C ILE C 12 6.57 1.79 -22.71
N ASN C 13 6.31 0.99 -23.75
CA ASN C 13 7.08 -0.18 -24.10
C ASN C 13 7.82 0.08 -25.42
N ALA C 14 8.59 -0.90 -25.86
CA ALA C 14 9.37 -0.73 -27.08
C ALA C 14 8.47 -0.52 -28.30
N GLY C 15 7.27 -1.08 -28.30
CA GLY C 15 6.43 -1.06 -29.48
C GLY C 15 5.81 0.28 -29.80
N MET C 16 5.74 1.18 -28.82
CA MET C 16 5.13 2.49 -29.01
C MET C 16 6.12 3.58 -29.38
N LEU C 17 7.40 3.22 -29.60
CA LEU C 17 8.42 4.24 -29.85
C LEU C 17 8.10 5.07 -31.09
N ALA C 18 7.31 4.53 -32.00
CA ALA C 18 7.06 5.20 -33.28
C ALA C 18 6.04 6.32 -33.21
N GLN C 19 5.41 6.53 -32.05
CA GLN C 19 4.36 7.54 -31.93
C GLN C 19 4.63 8.55 -30.83
N PHE C 20 5.85 8.58 -30.27
CA PHE C 20 6.20 9.50 -29.21
C PHE C 20 7.55 10.14 -29.49
N ILE C 21 7.74 10.65 -30.70
CA ILE C 21 9.03 11.18 -31.10
C ILE C 21 9.24 12.55 -30.47
N ASP C 22 10.43 12.76 -29.90
CA ASP C 22 10.92 14.00 -29.30
C ASP C 22 10.30 14.25 -27.93
N LYS C 23 9.34 13.44 -27.48
CA LYS C 23 8.74 13.68 -26.18
C LYS C 23 9.46 12.88 -25.10
N PRO C 24 9.50 13.36 -23.86
CA PRO C 24 10.06 12.54 -22.78
C PRO C 24 9.23 11.27 -22.58
N VAL C 25 9.91 10.19 -22.23
CA VAL C 25 9.27 8.90 -22.00
C VAL C 25 10.00 8.17 -20.89
N CYS C 26 9.35 7.12 -20.37
CA CYS C 26 9.90 6.27 -19.32
C CYS C 26 9.86 4.83 -19.82
N PHE C 27 10.98 4.13 -19.71
CA PHE C 27 11.13 2.80 -20.29
C PHE C 27 11.55 1.80 -19.23
N VAL C 28 10.95 0.61 -19.28
CA VAL C 28 11.25 -0.49 -18.37
C VAL C 28 11.60 -1.71 -19.21
N GLY C 29 12.72 -2.35 -18.89
CA GLY C 29 13.11 -3.53 -19.62
C GLY C 29 14.22 -4.27 -18.91
N ARG C 30 14.56 -5.43 -19.46
CA ARG C 30 15.62 -6.28 -18.94
C ARG C 30 16.87 -6.13 -19.81
N LEU C 31 18.02 -5.95 -19.16
CA LEU C 31 19.25 -5.75 -19.89
C LEU C 31 19.54 -6.96 -20.78
N GLU C 32 20.01 -6.69 -21.99
CA GLU C 32 20.33 -7.74 -22.95
C GLU C 32 21.81 -7.75 -23.35
N LYS C 33 22.35 -6.62 -23.79
CA LYS C 33 23.73 -6.57 -24.23
C LYS C 33 24.28 -5.16 -24.03
N ILE C 34 25.60 -5.06 -24.01
CA ILE C 34 26.30 -3.79 -23.82
C ILE C 34 27.31 -3.63 -24.95
N HIS C 35 27.29 -2.46 -25.60
CA HIS C 35 28.25 -2.18 -26.64
C HIS C 35 29.65 -2.07 -26.03
N PRO C 36 30.68 -2.59 -26.71
CA PRO C 36 31.95 -2.84 -26.01
C PRO C 36 32.64 -1.59 -25.47
N THR C 37 32.33 -0.40 -25.98
CA THR C 37 32.96 0.83 -25.49
C THR C 37 32.23 1.44 -24.32
N GLY C 38 31.18 0.79 -23.81
CA GLY C 38 30.44 1.33 -22.68
C GLY C 38 29.69 2.61 -22.99
N LYS C 39 29.05 2.69 -24.16
CA LYS C 39 28.29 3.88 -24.53
C LYS C 39 26.97 3.52 -25.21
N MET C 40 26.46 2.31 -25.00
CA MET C 40 25.20 1.90 -25.59
C MET C 40 24.82 0.54 -25.05
N PHE C 41 23.52 0.30 -24.93
CA PHE C 41 22.99 -1.01 -24.59
C PHE C 41 21.55 -1.10 -25.08
N ILE C 42 20.94 -2.26 -24.90
CA ILE C 42 19.60 -2.53 -25.39
C ILE C 42 18.79 -3.20 -24.28
N LEU C 43 17.51 -2.85 -24.20
CA LEU C 43 16.57 -3.43 -23.25
C LEU C 43 15.42 -4.06 -24.00
N SER C 44 14.70 -4.95 -23.32
CA SER C 44 13.55 -5.63 -23.90
C SER C 44 12.37 -5.57 -22.94
N ASP C 45 11.18 -5.60 -23.51
CA ASP C 45 9.94 -5.49 -22.77
C ASP C 45 9.20 -6.84 -22.76
N GLY C 46 7.97 -6.84 -22.25
CA GLY C 46 7.24 -8.09 -22.09
C GLY C 46 7.02 -8.82 -23.39
N GLU C 47 6.72 -8.10 -24.47
CA GLU C 47 6.50 -8.71 -25.77
C GLU C 47 7.78 -9.25 -26.38
N GLY C 48 8.94 -8.96 -25.80
CA GLY C 48 10.22 -9.39 -26.33
C GLY C 48 10.87 -8.40 -27.27
N LYS C 49 10.18 -7.34 -27.64
CA LYS C 49 10.75 -6.33 -28.52
C LYS C 49 11.87 -5.58 -27.80
N ASN C 50 12.68 -4.86 -28.58
CA ASN C 50 13.89 -4.23 -28.07
C ASN C 50 13.91 -2.74 -28.43
N GLY C 51 14.58 -1.98 -27.58
CA GLY C 51 14.87 -0.58 -27.88
C GLY C 51 16.26 -0.25 -27.38
N THR C 52 16.93 0.61 -28.14
CA THR C 52 18.32 0.94 -27.89
C THR C 52 18.45 2.19 -27.03
N ILE C 53 19.49 2.22 -26.20
CA ILE C 53 19.76 3.32 -25.28
C ILE C 53 21.09 3.95 -25.66
N GLU C 54 21.10 5.27 -25.77
CA GLU C 54 22.31 6.03 -26.05
C GLU C 54 22.64 6.92 -24.86
N LEU C 55 23.92 7.22 -24.70
CA LEU C 55 24.41 7.96 -23.54
C LEU C 55 25.44 8.97 -24.00
N MET C 56 26.04 9.67 -23.03
CA MET C 56 27.01 10.73 -23.30
C MET C 56 28.41 10.40 -22.82
N GLU C 57 28.53 9.62 -21.75
CA GLU C 57 29.84 9.32 -21.17
C GLU C 57 29.97 7.83 -20.91
N PRO C 58 31.19 7.31 -20.86
CA PRO C 58 31.38 5.89 -20.55
C PRO C 58 30.87 5.54 -19.16
N LEU C 59 30.39 4.31 -19.03
CA LEU C 59 29.85 3.82 -17.77
C LEU C 59 30.91 3.03 -17.01
N ASP C 60 31.11 3.40 -15.74
CA ASP C 60 32.08 2.73 -14.88
C ASP C 60 31.42 1.74 -13.93
N GLU C 61 30.14 1.45 -14.13
CA GLU C 61 29.39 0.54 -13.25
C GLU C 61 28.75 -0.54 -14.09
N GLU C 62 28.90 -1.79 -13.66
CA GLU C 62 28.26 -2.91 -14.33
C GLU C 62 26.80 -2.98 -13.96
N ILE C 63 25.93 -3.16 -14.96
CA ILE C 63 24.49 -3.16 -14.77
C ILE C 63 23.89 -4.35 -15.49
N SER C 64 22.90 -4.99 -14.86
CA SER C 64 22.25 -6.14 -15.44
C SER C 64 20.85 -6.27 -14.85
N GLY C 65 19.99 -6.99 -15.55
CA GLY C 65 18.64 -7.23 -15.09
C GLY C 65 17.69 -6.13 -15.53
N ILE C 66 16.65 -5.94 -14.72
CA ILE C 66 15.66 -4.91 -15.00
C ILE C 66 16.29 -3.54 -14.85
N VAL C 67 16.02 -2.65 -15.81
CA VAL C 67 16.65 -1.34 -15.84
C VAL C 67 15.59 -0.27 -16.05
N GLU C 68 15.81 0.88 -15.41
CA GLU C 68 14.89 2.00 -15.43
C GLU C 68 15.62 3.22 -15.98
N VAL C 69 15.20 3.72 -17.14
CA VAL C 69 15.84 4.86 -17.78
C VAL C 69 14.77 5.85 -18.22
N VAL C 70 15.17 7.11 -18.31
CA VAL C 70 14.31 8.20 -18.74
C VAL C 70 15.10 9.08 -19.71
N GLY C 71 14.45 9.48 -20.79
CA GLY C 71 15.13 10.29 -21.79
C GLY C 71 14.17 10.76 -22.86
N ARG C 72 14.74 11.33 -23.91
CA ARG C 72 13.99 11.92 -25.01
C ARG C 72 14.06 11.01 -26.23
N VAL C 73 12.92 10.80 -26.88
CA VAL C 73 12.87 9.98 -28.07
C VAL C 73 13.46 10.76 -29.24
N THR C 74 14.56 10.27 -29.79
CA THR C 74 15.23 10.93 -30.91
C THR C 74 14.53 10.57 -32.23
N ALA C 75 15.11 11.04 -33.33
CA ALA C 75 14.51 10.83 -34.64
C ALA C 75 14.74 9.42 -35.18
N LYS C 76 15.66 8.66 -34.57
CA LYS C 76 15.98 7.31 -35.01
C LYS C 76 15.17 6.26 -34.29
N ALA C 77 14.05 6.63 -33.67
CA ALA C 77 13.26 5.72 -32.86
C ALA C 77 14.10 5.15 -31.72
N THR C 78 14.90 6.00 -31.11
CA THR C 78 15.81 5.60 -30.03
C THR C 78 15.57 6.51 -28.83
N ILE C 79 16.24 6.16 -27.72
CA ILE C 79 16.13 6.90 -26.47
C ILE C 79 17.48 7.55 -26.18
N LEU C 80 17.47 8.86 -25.98
CA LEU C 80 18.65 9.59 -25.54
C LEU C 80 18.58 9.68 -24.02
N CYS C 81 19.19 8.70 -23.35
CA CYS C 81 19.05 8.59 -21.91
C CYS C 81 19.74 9.74 -21.19
N THR C 82 19.06 10.30 -20.19
CA THR C 82 19.65 11.29 -19.29
C THR C 82 19.99 10.71 -17.93
N SER C 83 19.18 9.79 -17.42
CA SER C 83 19.43 9.14 -16.15
C SER C 83 18.88 7.72 -16.19
N TYR C 84 19.50 6.85 -15.38
CA TYR C 84 19.08 5.46 -15.28
C TYR C 84 19.16 5.03 -13.83
N VAL C 85 18.35 4.03 -13.47
CA VAL C 85 18.38 3.42 -12.15
C VAL C 85 17.97 1.96 -12.30
N GLN C 86 18.50 1.11 -11.43
CA GLN C 86 18.27 -0.33 -11.48
C GLN C 86 17.55 -0.78 -10.23
N PHE C 87 16.47 -1.56 -10.42
CA PHE C 87 15.66 -2.01 -9.30
C PHE C 87 16.45 -2.99 -8.45
N LYS C 88 15.81 -3.46 -7.37
CA LYS C 88 16.38 -4.48 -6.50
C LYS C 88 15.48 -5.71 -6.53
N GLU C 89 16.06 -6.86 -6.84
CA GLU C 89 15.34 -8.11 -6.98
C GLU C 89 15.97 -9.18 -6.11
N ASP C 90 16.57 -8.78 -4.99
CA ASP C 90 17.31 -9.70 -4.14
C ASP C 90 16.42 -10.73 -3.45
N SER C 91 15.11 -10.54 -3.46
CA SER C 91 14.22 -11.45 -2.76
C SER C 91 13.01 -11.90 -3.57
N HIS C 92 12.62 -11.19 -4.63
CA HIS C 92 11.50 -11.60 -5.46
C HIS C 92 11.83 -11.31 -6.91
N PRO C 93 11.21 -12.00 -7.86
CA PRO C 93 11.34 -11.64 -9.26
C PRO C 93 10.27 -10.66 -9.70
N PHE C 94 10.62 -9.87 -10.72
CA PHE C 94 9.73 -8.84 -11.23
C PHE C 94 8.86 -9.42 -12.35
N ASP C 95 7.55 -9.42 -12.15
CA ASP C 95 6.60 -9.92 -13.15
C ASP C 95 6.47 -8.86 -14.24
N LEU C 96 7.42 -8.88 -15.18
CA LEU C 96 7.47 -7.85 -16.20
C LEU C 96 6.26 -7.93 -17.13
N GLY C 97 5.72 -9.13 -17.33
CA GLY C 97 4.50 -9.24 -18.12
C GLY C 97 3.34 -8.50 -17.47
N LEU C 98 3.24 -8.57 -16.14
CA LEU C 98 2.20 -7.82 -15.44
C LEU C 98 2.39 -6.32 -15.63
N TYR C 99 3.64 -5.84 -15.52
CA TYR C 99 3.89 -4.42 -15.74
C TYR C 99 3.54 -4.01 -17.16
N ASN C 100 3.85 -4.86 -18.13
CA ASN C 100 3.48 -4.56 -19.52
C ASN C 100 1.98 -4.45 -19.65
N GLU C 101 1.23 -5.36 -19.02
CA GLU C 101 -0.23 -5.25 -19.07
C GLU C 101 -0.71 -3.97 -18.42
N ALA C 102 -0.11 -3.59 -17.29
CA ALA C 102 -0.49 -2.35 -16.62
C ALA C 102 -0.24 -1.14 -17.52
N VAL C 103 0.92 -1.10 -18.17
CA VAL C 103 1.23 0.00 -19.07
C VAL C 103 0.24 0.03 -20.23
N LYS C 104 -0.11 -1.13 -20.76
CA LYS C 104 -1.17 -1.18 -21.77
C LYS C 104 -2.46 -0.61 -21.23
N ILE C 105 -2.73 -0.78 -19.94
CA ILE C 105 -3.97 -0.28 -19.36
C ILE C 105 -3.99 1.24 -19.33
N ILE C 106 -2.86 1.86 -18.98
CA ILE C 106 -2.85 3.32 -18.77
C ILE C 106 -3.32 4.05 -20.01
N HIS C 107 -2.74 3.73 -21.16
CA HIS C 107 -3.06 4.43 -22.39
C HIS C 107 -4.45 4.08 -22.93
N ASP C 108 -5.12 3.07 -22.36
CA ASP C 108 -6.45 2.72 -22.82
C ASP C 108 -7.49 3.72 -22.34
N PHE C 109 -7.35 4.21 -21.11
CA PHE C 109 -8.28 5.19 -20.54
C PHE C 109 -7.48 6.17 -19.69
N PRO C 110 -6.93 7.22 -20.29
CA PRO C 110 -6.09 8.17 -19.53
C PRO C 110 -6.87 9.12 -18.63
N GLN C 111 -8.20 9.18 -18.75
CA GLN C 111 -8.96 10.13 -17.95
C GLN C 111 -8.78 9.84 -16.46
N PHE C 112 -8.80 8.57 -16.07
CA PHE C 112 -8.57 8.21 -14.69
C PHE C 112 -7.09 8.28 -14.31
N TYR C 113 -6.19 8.34 -15.29
CA TYR C 113 -4.74 8.42 -15.05
C TYR C 113 -4.18 9.58 -15.85
N PRO C 114 -4.42 10.82 -15.39
CA PRO C 114 -3.89 12.01 -16.07
C PRO C 114 -2.40 12.21 -15.84
#